data_8VP4
#
_entry.id   8VP4
#
_cell.length_a   55.867
_cell.length_b   101.548
_cell.length_c   112.555
_cell.angle_alpha   90.00
_cell.angle_beta   90.00
_cell.angle_gamma   90.00
#
_symmetry.space_group_name_H-M   'P 21 21 21'
#
loop_
_entity.id
_entity.type
_entity.pdbx_description
1 polymer JF1cpCasp2
2 polymer AcVDVAD-CHO
3 water water
#
loop_
_entity_poly.entity_id
_entity_poly.type
_entity_poly.pdbx_seq_one_letter_code
_entity_poly.pdbx_strand_id
1 'polypeptide(L)'
;MHHHHHHGKNHAGSPGCEESAAGKEKLPKMRLPTRSDMICGYACLKGTAAMRNTKRGSWYIEALAQVFSERACDMHVADM
LVKVNALIKDREGYAPGTEFHRCKEMSEYCSTLCRHLYLFPGGGVKPCTPEFYQTHFQLAYRLQSRPRGLALVLSNVHFT
GEKELEFRSGGDVDHSTLVTLFKLLGYDVHVLCDQTAQEMQEKLQNFAQLPAHRVTDSCIVALLSHGVEGAIYGVDGKLL
QLQEVFQLFDNANCPSLQNKPKMFFIQACRGDETDRGVDQQD
;
A,B
2 'polypeptide(L)' (ACE)VDVA(ASA) D,C
#
loop_
_chem_comp.id
_chem_comp.type
_chem_comp.name
_chem_comp.formula
ACE non-polymer 'ACETYL GROUP' 'C2 H4 O'
#
# COMPACT_ATOMS: atom_id res chain seq x y z
N ARG A 31 -5.27 -13.62 19.81
CA ARG A 31 -5.01 -12.19 19.88
C ARG A 31 -4.64 -11.60 18.52
N LEU A 32 -5.02 -10.35 18.31
CA LEU A 32 -4.89 -9.68 17.02
C LEU A 32 -3.93 -8.52 17.17
N PRO A 33 -3.23 -8.13 16.10
CA PRO A 33 -2.58 -6.82 16.11
C PRO A 33 -3.67 -5.75 16.24
N THR A 34 -3.25 -4.51 16.50
CA THR A 34 -4.24 -3.46 16.69
C THR A 34 -5.02 -3.16 15.40
N ARG A 35 -4.36 -3.28 14.23
CA ARG A 35 -4.97 -3.02 12.93
C ARG A 35 -4.65 -4.14 11.94
N SER A 36 -5.68 -4.64 11.25
CA SER A 36 -5.49 -5.67 10.23
C SER A 36 -6.74 -5.74 9.36
N ASP A 37 -6.62 -6.49 8.26
CA ASP A 37 -7.75 -6.81 7.38
C ASP A 37 -8.37 -5.55 6.76
N MET A 38 -7.53 -4.59 6.38
CA MET A 38 -7.99 -3.43 5.64
C MET A 38 -7.31 -3.35 4.28
N ILE A 39 -8.02 -2.78 3.31
CA ILE A 39 -7.42 -2.42 2.02
C ILE A 39 -7.85 -0.98 1.73
N CYS A 40 -6.88 -0.14 1.42
N CYS A 40 -6.89 -0.15 1.30
CA CYS A 40 -7.15 1.26 1.11
CA CYS A 40 -7.11 1.28 1.14
C CYS A 40 -6.69 1.53 -0.31
C CYS A 40 -6.64 1.71 -0.25
N GLY A 41 -7.58 2.14 -1.10
CA GLY A 41 -7.27 2.58 -2.45
C GLY A 41 -7.14 4.10 -2.46
N TYR A 42 -6.05 4.57 -3.06
CA TYR A 42 -5.75 6.00 -3.18
C TYR A 42 -5.78 6.43 -4.64
N ALA A 43 -6.42 7.57 -4.90
CA ALA A 43 -6.55 8.07 -6.26
C ALA A 43 -5.22 8.50 -6.85
N CYS A 44 -4.21 8.79 -6.02
CA CYS A 44 -2.93 9.32 -6.49
C CYS A 44 -1.84 8.95 -5.49
N LEU A 45 -0.59 9.26 -5.85
CA LEU A 45 0.57 8.96 -5.02
C LEU A 45 0.85 10.11 -4.04
N LYS A 46 1.51 9.78 -2.93
CA LYS A 46 1.93 10.75 -1.94
C LYS A 46 2.62 11.94 -2.60
N GLY A 47 2.18 13.14 -2.22
CA GLY A 47 2.76 14.36 -2.72
C GLY A 47 2.15 14.90 -4.00
N THR A 48 1.21 14.19 -4.62
CA THR A 48 0.73 14.58 -5.94
C THR A 48 -0.76 14.89 -5.92
N ALA A 49 -1.22 15.53 -6.99
CA ALA A 49 -2.63 15.84 -7.16
C ALA A 49 -3.37 14.66 -7.78
N ALA A 50 -4.62 14.47 -7.36
CA ALA A 50 -5.53 13.56 -8.03
C ALA A 50 -6.36 14.35 -9.04
N MET A 51 -6.62 13.76 -10.21
CA MET A 51 -7.19 14.47 -11.33
C MET A 51 -8.71 14.24 -11.38
N ARG A 52 -9.46 15.28 -11.75
CA ARG A 52 -10.93 15.18 -11.83
C ARG A 52 -11.41 15.92 -13.06
N ASN A 53 -12.26 15.27 -13.85
CA ASN A 53 -12.89 15.90 -15.01
C ASN A 53 -14.14 16.64 -14.54
N THR A 54 -14.27 17.92 -14.94
CA THR A 54 -15.34 18.76 -14.41
C THR A 54 -16.73 18.28 -14.78
N LYS A 55 -16.87 17.43 -15.80
CA LYS A 55 -18.15 16.86 -16.18
C LYS A 55 -18.30 15.39 -15.83
N ARG A 56 -17.27 14.57 -16.05
CA ARG A 56 -17.34 13.14 -15.81
C ARG A 56 -17.01 12.73 -14.37
N GLY A 57 -16.31 13.56 -13.62
CA GLY A 57 -15.88 13.16 -12.28
C GLY A 57 -14.44 12.68 -12.25
N SER A 58 -14.03 12.19 -11.09
CA SER A 58 -12.62 11.87 -10.84
C SER A 58 -12.17 10.67 -11.67
N TRP A 59 -10.91 10.70 -12.13
CA TRP A 59 -10.40 9.56 -12.90
C TRP A 59 -10.47 8.27 -12.10
N TYR A 60 -10.07 8.33 -10.83
CA TYR A 60 -10.00 7.12 -10.02
C TYR A 60 -11.36 6.51 -9.76
N ILE A 61 -12.34 7.31 -9.33
CA ILE A 61 -13.68 6.76 -9.06
C ILE A 61 -14.29 6.21 -10.35
N GLU A 62 -14.11 6.93 -11.46
CA GLU A 62 -14.66 6.45 -12.74
C GLU A 62 -14.11 5.07 -13.08
N ALA A 63 -12.78 4.92 -12.98
CA ALA A 63 -12.12 3.66 -13.31
C ALA A 63 -12.51 2.57 -12.30
N LEU A 64 -12.57 2.94 -11.03
CA LEU A 64 -12.93 1.99 -9.98
C LEU A 64 -14.28 1.36 -10.26
N ALA A 65 -15.28 2.19 -10.55
CA ALA A 65 -16.62 1.65 -10.75
C ALA A 65 -16.71 0.89 -12.05
N GLN A 66 -15.98 1.35 -13.08
CA GLN A 66 -15.96 0.63 -14.35
C GLN A 66 -15.43 -0.79 -14.17
N VAL A 67 -14.34 -0.95 -13.42
CA VAL A 67 -13.78 -2.28 -13.20
C VAL A 67 -14.70 -3.12 -12.28
N PHE A 68 -15.11 -2.54 -11.16
CA PHE A 68 -15.91 -3.29 -10.18
C PHE A 68 -17.23 -3.77 -10.78
N SER A 69 -17.88 -2.91 -11.57
CA SER A 69 -19.15 -3.29 -12.17
C SER A 69 -18.97 -4.48 -13.10
N GLU A 70 -17.88 -4.51 -13.85
CA GLU A 70 -17.64 -5.60 -14.80
C GLU A 70 -17.11 -6.86 -14.13
N ARG A 71 -16.25 -6.74 -13.12
CA ARG A 71 -15.45 -7.88 -12.71
C ARG A 71 -15.68 -8.36 -11.28
N ALA A 72 -16.55 -7.72 -10.51
CA ALA A 72 -16.76 -8.18 -9.12
C ALA A 72 -17.21 -9.63 -9.07
N CYS A 73 -17.79 -10.15 -10.16
N CYS A 73 -17.78 -10.16 -10.15
CA CYS A 73 -18.27 -11.52 -10.18
CA CYS A 73 -18.28 -11.53 -10.15
C CYS A 73 -17.12 -12.53 -10.08
C CYS A 73 -17.18 -12.59 -10.22
N ASP A 74 -15.98 -12.25 -10.72
CA ASP A 74 -14.94 -13.27 -10.86
C ASP A 74 -13.54 -12.82 -10.47
N MET A 75 -13.38 -11.62 -9.91
CA MET A 75 -12.09 -11.06 -9.49
C MET A 75 -12.13 -10.57 -8.05
N HIS A 76 -11.08 -10.87 -7.28
CA HIS A 76 -11.05 -10.35 -5.93
C HIS A 76 -10.62 -8.88 -5.96
N VAL A 77 -10.89 -8.18 -4.85
CA VAL A 77 -10.82 -6.72 -4.83
C VAL A 77 -9.40 -6.22 -5.10
N ALA A 78 -8.38 -6.87 -4.51
CA ALA A 78 -7.01 -6.43 -4.77
C ALA A 78 -6.66 -6.52 -6.25
N ASP A 79 -7.03 -7.62 -6.92
CA ASP A 79 -6.75 -7.74 -8.35
C ASP A 79 -7.56 -6.72 -9.17
N MET A 80 -8.75 -6.36 -8.70
CA MET A 80 -9.57 -5.38 -9.38
C MET A 80 -8.87 -4.01 -9.31
N LEU A 81 -8.25 -3.71 -8.16
CA LEU A 81 -7.53 -2.45 -8.02
C LEU A 81 -6.29 -2.40 -8.90
N VAL A 82 -5.69 -3.56 -9.21
CA VAL A 82 -4.60 -3.58 -10.18
C VAL A 82 -5.12 -3.20 -11.57
N LYS A 83 -6.30 -3.71 -11.95
CA LYS A 83 -6.90 -3.28 -13.21
C LYS A 83 -7.17 -1.78 -13.22
N VAL A 84 -7.61 -1.23 -12.07
CA VAL A 84 -7.80 0.22 -11.96
C VAL A 84 -6.48 0.94 -12.20
N ASN A 85 -5.42 0.49 -11.53
CA ASN A 85 -4.09 1.08 -11.74
C ASN A 85 -3.76 1.15 -13.24
N ALA A 86 -4.06 0.08 -13.99
CA ALA A 86 -3.73 0.05 -15.41
C ALA A 86 -4.50 1.10 -16.18
N LEU A 87 -5.79 1.30 -15.86
CA LEU A 87 -6.56 2.38 -16.50
C LEU A 87 -5.98 3.76 -16.18
N ILE A 88 -5.62 4.01 -14.91
CA ILE A 88 -5.10 5.33 -14.53
C ILE A 88 -3.75 5.59 -15.19
N LYS A 89 -2.90 4.57 -15.26
CA LYS A 89 -1.57 4.74 -15.87
C LYS A 89 -1.67 5.21 -17.33
N ASP A 90 -2.69 4.74 -18.05
CA ASP A 90 -2.85 5.06 -19.46
C ASP A 90 -3.56 6.39 -19.72
N ARG A 91 -4.25 6.95 -18.73
CA ARG A 91 -5.01 8.18 -18.97
C ARG A 91 -4.11 9.41 -18.91
N GLU A 92 -4.50 10.48 -19.64
CA GLU A 92 -3.77 11.73 -19.50
C GLU A 92 -4.71 12.92 -19.58
N GLY A 93 -4.22 14.05 -19.06
CA GLY A 93 -5.09 15.19 -18.81
C GLY A 93 -5.46 15.92 -20.08
N TYR A 94 -6.71 16.37 -20.14
CA TYR A 94 -7.16 17.29 -21.17
C TYR A 94 -7.57 18.59 -20.49
N ALA A 95 -6.77 19.65 -20.68
CA ALA A 95 -7.08 20.97 -20.13
C ALA A 95 -6.25 22.03 -20.84
N PRO A 96 -6.56 22.32 -22.11
CA PRO A 96 -5.70 23.22 -22.89
C PRO A 96 -5.49 24.57 -22.20
N GLY A 97 -4.25 25.06 -22.27
CA GLY A 97 -3.90 26.32 -21.67
C GLY A 97 -3.56 26.28 -20.19
N THR A 98 -3.59 25.11 -19.54
CA THR A 98 -3.24 24.99 -18.13
C THR A 98 -2.16 23.94 -17.95
N GLU A 99 -1.56 23.95 -16.75
CA GLU A 99 -0.54 22.97 -16.39
C GLU A 99 -1.06 21.53 -16.35
N PHE A 100 -2.37 21.34 -16.39
CA PHE A 100 -2.90 19.98 -16.37
C PHE A 100 -3.03 19.37 -17.76
N HIS A 101 -2.80 20.12 -18.83
CA HIS A 101 -2.89 19.54 -20.15
C HIS A 101 -1.80 18.48 -20.33
N ARG A 102 -2.22 17.27 -20.74
CA ARG A 102 -1.35 16.11 -20.91
C ARG A 102 -0.66 15.66 -19.62
N CYS A 103 -1.22 16.03 -18.47
CA CYS A 103 -0.64 15.58 -17.21
C CYS A 103 -0.99 14.13 -16.94
N LYS A 104 -0.32 13.55 -15.96
CA LYS A 104 -0.47 12.14 -15.63
C LYS A 104 -0.77 12.00 -14.14
N GLU A 105 -1.21 10.80 -13.75
CA GLU A 105 -1.53 10.45 -12.37
C GLU A 105 -1.26 8.96 -12.21
N MET A 106 -0.99 8.53 -10.98
CA MET A 106 -0.87 7.08 -10.78
C MET A 106 -1.60 6.79 -9.47
N SER A 107 -2.55 5.87 -9.51
CA SER A 107 -3.23 5.39 -8.31
C SER A 107 -2.39 4.28 -7.64
N GLU A 108 -2.78 3.95 -6.40
CA GLU A 108 -2.15 2.84 -5.68
C GLU A 108 -3.14 2.27 -4.68
N TYR A 109 -2.83 1.09 -4.15
CA TYR A 109 -3.57 0.59 -3.00
C TYR A 109 -2.59 -0.01 -2.02
N CYS A 110 -2.96 0.04 -0.74
CA CYS A 110 -2.19 -0.60 0.33
C CYS A 110 -3.09 -1.58 1.06
N SER A 111 -2.51 -2.70 1.52
CA SER A 111 -3.30 -3.83 1.99
C SER A 111 -2.69 -4.51 3.21
N THR A 112 -3.52 -4.64 4.25
CA THR A 112 -3.30 -5.58 5.35
C THR A 112 -4.29 -6.75 5.28
N LEU A 113 -4.85 -7.04 4.12
CA LEU A 113 -5.71 -8.21 3.97
C LEU A 113 -4.89 -9.48 4.16
N CYS A 114 -5.55 -10.51 4.68
CA CYS A 114 -4.94 -11.79 4.97
C CYS A 114 -5.61 -12.93 4.23
N ARG A 115 -6.57 -12.62 3.36
CA ARG A 115 -7.22 -13.57 2.47
C ARG A 115 -7.60 -12.85 1.19
N HIS A 116 -8.00 -13.63 0.17
CA HIS A 116 -8.68 -13.03 -0.98
C HIS A 116 -9.95 -12.34 -0.51
N LEU A 117 -10.29 -11.21 -1.14
CA LEU A 117 -11.55 -10.50 -0.88
C LEU A 117 -12.43 -10.56 -2.13
N TYR A 118 -13.23 -11.62 -2.23
CA TYR A 118 -14.26 -11.72 -3.26
C TYR A 118 -15.57 -11.16 -2.73
N LEU A 119 -16.23 -10.32 -3.53
CA LEU A 119 -17.45 -9.69 -3.04
C LEU A 119 -18.68 -10.59 -3.23
N PHE A 120 -18.59 -11.64 -4.04
CA PHE A 120 -19.67 -12.60 -4.30
C PHE A 120 -21.02 -11.90 -4.52
N PRO A 121 -21.15 -11.06 -5.55
CA PRO A 121 -22.43 -10.35 -5.71
C PRO A 121 -23.59 -11.26 -6.15
N HIS A 136 -14.13 -21.00 -4.59
CA HIS A 136 -13.25 -19.95 -4.10
C HIS A 136 -13.53 -19.54 -2.66
N PHE A 137 -14.68 -19.97 -2.14
CA PHE A 137 -15.12 -19.53 -0.81
C PHE A 137 -14.15 -19.95 0.29
N GLN A 138 -13.36 -21.00 0.09
CA GLN A 138 -12.57 -21.57 1.19
C GLN A 138 -11.34 -20.75 1.54
N LEU A 139 -10.68 -20.12 0.55
CA LEU A 139 -9.48 -19.32 0.81
C LEU A 139 -9.75 -17.81 0.76
N ALA A 140 -11.01 -17.42 0.80
CA ALA A 140 -11.43 -16.03 0.78
C ALA A 140 -12.07 -15.66 2.12
N TYR A 141 -12.19 -14.36 2.36
CA TYR A 141 -12.98 -13.91 3.51
C TYR A 141 -14.42 -14.40 3.37
N ARG A 142 -15.04 -14.76 4.48
CA ARG A 142 -16.48 -15.08 4.46
C ARG A 142 -17.25 -13.84 4.06
N LEU A 143 -18.05 -13.95 2.99
CA LEU A 143 -18.78 -12.79 2.48
C LEU A 143 -20.11 -13.28 1.90
N GLN A 144 -21.04 -13.59 2.80
CA GLN A 144 -22.34 -14.12 2.43
C GLN A 144 -23.50 -13.42 3.11
N SER A 145 -23.24 -12.49 4.04
CA SER A 145 -24.31 -11.85 4.78
C SER A 145 -25.19 -11.02 3.84
N ARG A 146 -26.39 -10.73 4.30
CA ARG A 146 -27.32 -9.83 3.61
C ARG A 146 -27.73 -8.78 4.63
N PRO A 147 -27.31 -7.50 4.49
CA PRO A 147 -26.44 -7.05 3.40
C PRO A 147 -25.02 -7.58 3.54
N ARG A 148 -24.25 -7.49 2.45
CA ARG A 148 -22.85 -7.87 2.48
C ARG A 148 -22.07 -7.04 3.49
N GLY A 149 -22.53 -5.82 3.73
CA GLY A 149 -21.98 -4.95 4.75
C GLY A 149 -22.70 -3.63 4.67
N LEU A 150 -22.32 -2.73 5.58
CA LEU A 150 -22.70 -1.34 5.48
C LEU A 150 -21.62 -0.61 4.68
N ALA A 151 -22.04 0.38 3.90
CA ALA A 151 -21.13 1.25 3.16
C ALA A 151 -21.43 2.70 3.50
N LEU A 152 -20.39 3.52 3.61
CA LEU A 152 -20.56 4.95 3.79
C LEU A 152 -19.92 5.69 2.63
N VAL A 153 -20.68 6.57 1.97
CA VAL A 153 -20.13 7.43 0.92
C VAL A 153 -20.19 8.87 1.43
N LEU A 154 -19.02 9.47 1.65
CA LEU A 154 -18.91 10.80 2.23
C LEU A 154 -18.26 11.71 1.20
N SER A 155 -19.04 12.62 0.62
CA SER A 155 -18.59 13.48 -0.48
C SER A 155 -18.63 14.94 -0.04
N ASN A 156 -17.49 15.61 -0.15
CA ASN A 156 -17.41 17.05 0.01
C ASN A 156 -17.19 17.72 -1.34
N VAL A 157 -18.13 18.59 -1.74
CA VAL A 157 -18.14 19.16 -3.09
C VAL A 157 -18.25 20.68 -3.03
N HIS A 158 -19.05 21.19 -2.09
CA HIS A 158 -19.27 22.63 -1.92
C HIS A 158 -18.56 23.10 -0.65
N PHE A 159 -17.62 24.01 -0.80
CA PHE A 159 -16.79 24.42 0.32
C PHE A 159 -17.16 25.82 0.78
N THR A 160 -16.95 26.09 2.06
CA THR A 160 -17.56 27.27 2.65
C THR A 160 -16.65 28.49 2.65
N GLY A 161 -15.50 28.40 1.99
CA GLY A 161 -14.68 29.56 1.69
C GLY A 161 -13.51 29.78 2.62
N GLU A 162 -13.52 29.16 3.81
CA GLU A 162 -12.52 29.47 4.83
C GLU A 162 -11.09 29.42 4.27
N LYS A 163 -10.77 28.37 3.52
CA LYS A 163 -9.52 28.30 2.78
C LYS A 163 -9.85 28.37 1.29
N GLU A 164 -8.81 28.36 0.45
CA GLU A 164 -9.03 28.61 -0.97
C GLU A 164 -9.63 27.39 -1.73
N LEU A 165 -10.32 26.47 -1.04
CA LEU A 165 -10.72 25.21 -1.66
C LEU A 165 -11.89 25.41 -2.60
N GLU A 166 -11.74 24.93 -3.84
CA GLU A 166 -12.69 25.19 -4.92
C GLU A 166 -13.80 24.13 -4.99
N PHE A 167 -14.96 24.57 -5.48
CA PHE A 167 -16.05 23.68 -5.89
C PHE A 167 -15.51 22.49 -6.69
N ARG A 168 -15.92 21.28 -6.31
CA ARG A 168 -15.44 20.06 -6.97
C ARG A 168 -16.47 19.65 -8.01
N SER A 169 -16.48 20.37 -9.14
CA SER A 169 -17.35 20.04 -10.27
C SER A 169 -17.10 18.61 -10.73
N GLY A 170 -18.18 17.86 -10.93
CA GLY A 170 -18.08 16.46 -11.25
C GLY A 170 -18.15 15.55 -10.04
N GLY A 171 -17.98 16.10 -8.84
CA GLY A 171 -18.11 15.30 -7.64
C GLY A 171 -19.48 14.66 -7.51
N ASP A 172 -20.51 15.29 -8.10
CA ASP A 172 -21.84 14.71 -8.02
C ASP A 172 -21.88 13.39 -8.77
N VAL A 173 -21.17 13.31 -9.90
CA VAL A 173 -21.14 12.06 -10.65
C VAL A 173 -20.43 10.98 -9.84
N ASP A 174 -19.29 11.33 -9.20
CA ASP A 174 -18.58 10.38 -8.34
C ASP A 174 -19.52 9.84 -7.26
N HIS A 175 -20.26 10.76 -6.63
CA HIS A 175 -21.14 10.35 -5.54
C HIS A 175 -22.21 9.40 -6.02
N SER A 176 -22.91 9.76 -7.11
CA SER A 176 -23.92 8.87 -7.69
C SER A 176 -23.30 7.54 -8.10
N THR A 177 -22.08 7.59 -8.64
CA THR A 177 -21.40 6.37 -9.08
C THR A 177 -21.28 5.38 -7.91
N LEU A 178 -20.75 5.83 -6.78
CA LEU A 178 -20.46 4.90 -5.69
C LEU A 178 -21.72 4.46 -4.98
N VAL A 179 -22.69 5.36 -4.79
CA VAL A 179 -23.94 4.95 -4.15
C VAL A 179 -24.61 3.83 -4.96
N THR A 180 -24.74 4.04 -6.27
CA THR A 180 -25.38 3.01 -7.09
C THR A 180 -24.54 1.73 -7.12
N LEU A 181 -23.23 1.86 -7.32
CA LEU A 181 -22.37 0.68 -7.40
C LEU A 181 -22.48 -0.16 -6.12
N PHE A 182 -22.35 0.50 -4.97
CA PHE A 182 -22.32 -0.25 -3.71
C PHE A 182 -23.69 -0.88 -3.41
N LYS A 183 -24.79 -0.22 -3.80
CA LYS A 183 -26.11 -0.84 -3.67
C LYS A 183 -26.20 -2.09 -4.53
N LEU A 184 -25.73 -2.00 -5.77
CA LEU A 184 -25.80 -3.17 -6.65
C LEU A 184 -24.89 -4.29 -6.17
N LEU A 185 -23.84 -3.96 -5.41
CA LEU A 185 -22.98 -4.99 -4.85
C LEU A 185 -23.55 -5.57 -3.56
N GLY A 186 -24.72 -5.10 -3.13
CA GLY A 186 -25.38 -5.69 -1.98
C GLY A 186 -25.12 -5.03 -0.65
N TYR A 187 -24.62 -3.79 -0.64
CA TYR A 187 -24.32 -3.08 0.59
C TYR A 187 -25.50 -2.18 0.98
N ASP A 188 -25.60 -1.92 2.27
CA ASP A 188 -26.58 -1.00 2.82
C ASP A 188 -25.87 0.35 2.89
N VAL A 189 -26.21 1.27 1.99
CA VAL A 189 -25.41 2.45 1.74
C VAL A 189 -25.90 3.64 2.56
N HIS A 190 -25.03 4.16 3.43
CA HIS A 190 -25.23 5.42 4.13
C HIS A 190 -24.53 6.54 3.37
N VAL A 191 -25.10 7.73 3.38
CA VAL A 191 -24.51 8.87 2.66
C VAL A 191 -24.38 10.09 3.56
N LEU A 192 -23.32 10.87 3.29
CA LEU A 192 -23.05 12.15 3.93
C LEU A 192 -22.47 13.10 2.89
N CYS A 193 -22.89 14.36 2.93
CA CYS A 193 -22.45 15.33 1.94
C CYS A 193 -22.04 16.62 2.62
N ASP A 194 -20.92 17.19 2.18
CA ASP A 194 -20.52 18.56 2.52
C ASP A 194 -20.43 18.75 4.03
N GLN A 195 -19.55 17.96 4.64
CA GLN A 195 -19.38 17.95 6.09
C GLN A 195 -18.11 18.68 6.50
N THR A 196 -18.15 19.32 7.68
CA THR A 196 -16.94 19.88 8.26
C THR A 196 -16.05 18.76 8.79
N ALA A 197 -14.80 19.11 9.12
CA ALA A 197 -13.88 18.11 9.64
C ALA A 197 -14.41 17.48 10.93
N GLN A 198 -14.95 18.31 11.83
CA GLN A 198 -15.50 17.78 13.07
C GLN A 198 -16.73 16.90 12.81
N GLU A 199 -17.63 17.32 11.91
CA GLU A 199 -18.75 16.46 11.55
C GLU A 199 -18.28 15.13 10.96
N MET A 200 -17.27 15.17 10.07
CA MET A 200 -16.68 13.95 9.51
C MET A 200 -16.24 13.00 10.62
N GLN A 201 -15.42 13.52 11.56
CA GLN A 201 -14.87 12.69 12.63
C GLN A 201 -16.00 12.10 13.48
N GLU A 202 -16.94 12.96 13.89
CA GLU A 202 -18.01 12.48 14.76
C GLU A 202 -18.90 11.46 14.04
N LYS A 203 -19.24 11.73 12.77
CA LYS A 203 -20.16 10.83 12.09
C LYS A 203 -19.48 9.56 11.58
N LEU A 204 -18.18 9.62 11.27
CA LEU A 204 -17.44 8.40 10.98
C LEU A 204 -17.38 7.49 12.20
N GLN A 205 -17.17 8.08 13.38
CA GLN A 205 -17.17 7.27 14.61
C GLN A 205 -18.54 6.66 14.88
N ASN A 206 -19.61 7.45 14.69
CA ASN A 206 -20.97 6.92 14.82
C ASN A 206 -21.18 5.73 13.88
N PHE A 207 -20.73 5.88 12.62
CA PHE A 207 -20.87 4.80 11.66
C PHE A 207 -20.08 3.57 12.09
N ALA A 208 -18.85 3.76 12.57
CA ALA A 208 -18.04 2.63 12.98
C ALA A 208 -18.70 1.86 14.14
N GLN A 209 -19.45 2.56 14.99
CA GLN A 209 -20.00 2.00 16.21
C GLN A 209 -21.41 1.43 16.03
N LEU A 210 -21.92 1.41 14.81
CA LEU A 210 -23.28 0.94 14.58
C LEU A 210 -23.40 -0.55 14.93
N PRO A 211 -24.47 -0.96 15.60
CA PRO A 211 -24.64 -2.40 15.93
C PRO A 211 -24.78 -3.30 14.71
N ALA A 212 -25.21 -2.76 13.57
CA ALA A 212 -25.43 -3.61 12.40
C ALA A 212 -24.16 -4.31 11.96
N HIS A 213 -22.98 -3.75 12.26
CA HIS A 213 -21.74 -4.40 11.88
C HIS A 213 -21.58 -5.79 12.49
N ARG A 214 -22.26 -6.06 13.62
CA ARG A 214 -22.15 -7.37 14.26
C ARG A 214 -22.66 -8.49 13.37
N VAL A 215 -23.60 -8.20 12.47
CA VAL A 215 -24.25 -9.24 11.69
C VAL A 215 -23.94 -9.12 10.20
N THR A 216 -22.92 -8.34 9.84
CA THR A 216 -22.49 -8.29 8.45
C THR A 216 -21.08 -8.83 8.35
N ASP A 217 -20.63 -9.03 7.11
CA ASP A 217 -19.35 -9.68 6.85
C ASP A 217 -18.24 -8.75 6.36
N SER A 218 -18.54 -7.48 6.07
CA SER A 218 -17.54 -6.58 5.49
C SER A 218 -18.00 -5.14 5.72
N CYS A 219 -17.14 -4.19 5.34
CA CYS A 219 -17.43 -2.76 5.48
C CYS A 219 -16.74 -1.98 4.36
N ILE A 220 -17.39 -0.90 3.90
CA ILE A 220 -16.82 0.00 2.89
C ILE A 220 -16.95 1.44 3.37
N VAL A 221 -15.87 2.20 3.29
CA VAL A 221 -15.91 3.63 3.52
C VAL A 221 -15.23 4.32 2.34
N ALA A 222 -15.95 5.26 1.72
CA ALA A 222 -15.41 6.06 0.61
C ALA A 222 -15.40 7.53 1.00
N LEU A 223 -14.24 8.17 0.89
CA LEU A 223 -14.10 9.58 1.26
C LEU A 223 -13.65 10.35 0.04
N LEU A 224 -14.40 11.40 -0.29
CA LEU A 224 -14.16 12.17 -1.51
C LEU A 224 -14.15 13.65 -1.16
N SER A 225 -13.00 14.30 -1.34
CA SER A 225 -12.84 15.69 -0.92
C SER A 225 -11.55 16.24 -1.51
N HIS A 226 -11.24 17.49 -1.17
CA HIS A 226 -9.88 17.98 -1.25
C HIS A 226 -9.04 17.35 -0.12
N GLY A 227 -7.73 17.38 -0.28
CA GLY A 227 -6.88 16.87 0.80
C GLY A 227 -5.42 17.21 0.59
N VAL A 228 -4.62 16.75 1.56
CA VAL A 228 -3.17 16.86 1.57
C VAL A 228 -2.63 15.47 1.90
N GLU A 229 -1.32 15.30 1.85
CA GLU A 229 -0.75 14.00 2.22
C GLU A 229 -1.22 13.60 3.61
N GLY A 230 -1.90 12.45 3.69
CA GLY A 230 -2.31 11.88 4.95
C GLY A 230 -3.54 12.47 5.62
N ALA A 231 -4.27 13.37 4.98
CA ALA A 231 -5.42 14.02 5.62
C ALA A 231 -6.38 14.53 4.54
N ILE A 232 -7.65 14.64 4.91
CA ILE A 232 -8.67 15.18 4.00
C ILE A 232 -9.34 16.38 4.63
N TYR A 233 -9.75 17.31 3.78
CA TYR A 233 -10.44 18.53 4.23
C TYR A 233 -11.93 18.33 4.40
N GLY A 234 -12.47 18.88 5.49
CA GLY A 234 -13.88 19.19 5.55
C GLY A 234 -14.19 20.45 4.75
N VAL A 235 -15.49 20.77 4.65
CA VAL A 235 -15.88 21.92 3.84
C VAL A 235 -15.39 23.22 4.46
N ASP A 236 -15.08 23.21 5.76
CA ASP A 236 -14.59 24.39 6.47
C ASP A 236 -13.09 24.57 6.34
N GLY A 237 -12.42 23.76 5.51
CA GLY A 237 -10.99 23.91 5.33
C GLY A 237 -10.14 23.39 6.47
N LYS A 238 -10.74 22.65 7.40
CA LYS A 238 -9.99 22.02 8.48
C LYS A 238 -9.76 20.56 8.10
N LEU A 239 -8.68 19.98 8.63
CA LEU A 239 -8.21 18.67 8.19
C LEU A 239 -8.62 17.56 9.16
N LEU A 240 -8.96 16.39 8.61
CA LEU A 240 -9.12 15.15 9.36
C LEU A 240 -8.02 14.20 8.94
N GLN A 241 -7.17 13.79 9.88
CA GLN A 241 -6.07 12.89 9.55
C GLN A 241 -6.59 11.50 9.22
N LEU A 242 -6.05 10.90 8.15
CA LEU A 242 -6.55 9.59 7.73
C LEU A 242 -6.21 8.52 8.75
N GLN A 243 -5.09 8.64 9.46
CA GLN A 243 -4.76 7.64 10.47
C GLN A 243 -5.83 7.60 11.55
N GLU A 244 -6.46 8.75 11.84
CA GLU A 244 -7.52 8.77 12.83
C GLU A 244 -8.78 8.09 12.30
N VAL A 245 -9.01 8.18 10.98
CA VAL A 245 -10.14 7.50 10.37
C VAL A 245 -9.95 5.98 10.45
N PHE A 246 -8.79 5.48 10.01
CA PHE A 246 -8.57 4.04 10.02
C PHE A 246 -8.67 3.50 11.45
N GLN A 247 -8.19 4.27 12.41
CA GLN A 247 -8.20 3.81 13.80
C GLN A 247 -9.63 3.58 14.30
N LEU A 248 -10.59 4.37 13.84
CA LEU A 248 -11.99 4.17 14.23
C LEU A 248 -12.49 2.77 13.87
N PHE A 249 -11.88 2.13 12.87
CA PHE A 249 -12.35 0.83 12.38
C PHE A 249 -11.42 -0.31 12.77
N ASP A 250 -10.43 -0.05 13.63
CA ASP A 250 -9.41 -1.07 13.88
C ASP A 250 -9.92 -2.10 14.91
N ASN A 251 -9.05 -3.04 15.26
CA ASN A 251 -9.49 -4.17 16.09
C ASN A 251 -9.76 -3.76 17.53
N ALA A 252 -9.11 -2.69 17.99
CA ALA A 252 -9.36 -2.19 19.35
C ALA A 252 -10.67 -1.41 19.41
N ASN A 253 -10.87 -0.48 18.48
CA ASN A 253 -12.00 0.44 18.56
C ASN A 253 -13.28 -0.10 17.94
N CYS A 254 -13.19 -1.08 17.04
CA CYS A 254 -14.33 -1.60 16.32
C CYS A 254 -14.33 -3.12 16.38
N PRO A 255 -14.58 -3.71 17.56
CA PRO A 255 -14.54 -5.18 17.67
C PRO A 255 -15.55 -5.89 16.79
N SER A 256 -16.67 -5.22 16.44
N SER A 256 -16.65 -5.21 16.43
CA SER A 256 -17.67 -5.85 15.58
CA SER A 256 -17.67 -5.81 15.57
C SER A 256 -17.10 -6.22 14.21
C SER A 256 -17.12 -6.20 14.21
N LEU A 257 -16.06 -5.54 13.75
CA LEU A 257 -15.48 -5.82 12.45
C LEU A 257 -14.18 -6.60 12.53
N GLN A 258 -13.79 -7.07 13.71
CA GLN A 258 -12.58 -7.89 13.83
C GLN A 258 -12.61 -9.05 12.84
N ASN A 259 -11.51 -9.21 12.09
CA ASN A 259 -11.29 -10.29 11.14
C ASN A 259 -12.18 -10.20 9.91
N LYS A 260 -12.97 -9.13 9.78
CA LYS A 260 -13.75 -8.90 8.59
C LYS A 260 -13.08 -7.86 7.69
N PRO A 261 -13.17 -8.03 6.37
CA PRO A 261 -12.47 -7.11 5.45
C PRO A 261 -13.10 -5.72 5.45
N LYS A 262 -12.25 -4.70 5.55
CA LYS A 262 -12.67 -3.31 5.59
C LYS A 262 -12.00 -2.57 4.44
N MET A 263 -12.82 -2.07 3.53
CA MET A 263 -12.40 -1.38 2.32
C MET A 263 -12.50 0.13 2.51
N PHE A 264 -11.43 0.86 2.15
CA PHE A 264 -11.44 2.34 2.14
C PHE A 264 -11.03 2.82 0.76
N PHE A 265 -11.77 3.78 0.21
CA PHE A 265 -11.43 4.41 -1.06
C PHE A 265 -11.33 5.91 -0.84
N ILE A 266 -10.16 6.49 -1.16
CA ILE A 266 -9.86 7.88 -0.81
C ILE A 266 -9.64 8.68 -2.10
N GLN A 267 -10.63 9.48 -2.47
CA GLN A 267 -10.54 10.37 -3.62
C GLN A 267 -10.20 11.75 -3.09
N ALA A 268 -8.90 12.10 -3.11
CA ALA A 268 -8.43 13.38 -2.60
C ALA A 268 -6.99 13.57 -3.06
N CYS A 269 -6.59 14.82 -3.28
CA CYS A 269 -5.18 15.08 -3.52
C CYS A 269 -4.35 14.77 -2.29
N ARG A 270 -3.08 14.47 -2.55
CA ARG A 270 -2.12 14.11 -1.51
C ARG A 270 -0.92 15.06 -1.54
N GLY A 271 -1.13 16.26 -2.04
CA GLY A 271 -0.05 17.20 -2.24
C GLY A 271 -0.32 18.05 -3.46
N ASP A 272 0.66 18.92 -3.76
CA ASP A 272 0.49 19.94 -4.77
C ASP A 272 1.19 19.65 -6.09
N GLU A 273 2.00 18.59 -6.16
CA GLU A 273 2.77 18.36 -7.37
C GLU A 273 1.87 17.84 -8.49
N THR A 274 1.94 18.49 -9.65
CA THR A 274 1.32 18.01 -10.87
C THR A 274 2.34 17.16 -11.61
N ASP A 275 1.96 15.94 -12.00
CA ASP A 275 2.89 15.03 -12.67
C ASP A 275 2.84 15.32 -14.17
N ARG A 276 3.94 15.86 -14.70
CA ARG A 276 4.02 16.14 -16.13
C ARG A 276 4.19 14.87 -16.94
N GLY A 277 4.54 13.74 -16.30
CA GLY A 277 4.68 12.49 -17.02
C GLY A 277 6.02 12.40 -17.73
N VAL A 278 6.27 11.24 -18.34
CA VAL A 278 7.53 11.00 -19.04
C VAL A 278 7.27 10.26 -20.34
N ASP A 279 8.09 10.54 -21.35
CA ASP A 279 7.98 9.81 -22.59
C ASP A 279 8.44 8.38 -22.40
N GLN A 280 7.79 7.47 -23.10
CA GLN A 280 8.27 6.09 -23.14
C GLN A 280 9.52 6.03 -24.00
N GLN A 281 10.57 5.42 -23.48
CA GLN A 281 11.82 5.27 -24.23
C GLN A 281 11.65 4.32 -25.41
N MET B 30 1.47 7.57 -26.41
CA MET B 30 1.26 7.24 -24.99
C MET B 30 2.51 7.52 -24.15
N ARG B 31 2.29 8.15 -23.01
CA ARG B 31 3.32 8.56 -22.09
C ARG B 31 3.07 7.91 -20.74
N LEU B 32 4.04 8.02 -19.83
CA LEU B 32 3.88 7.34 -18.55
C LEU B 32 3.80 8.34 -17.39
N PRO B 33 3.14 7.96 -16.29
CA PRO B 33 3.34 8.71 -15.04
C PRO B 33 4.82 8.62 -14.64
N THR B 34 5.23 9.50 -13.72
CA THR B 34 6.61 9.46 -13.29
C THR B 34 6.96 8.16 -12.57
N ARG B 35 6.01 7.58 -11.82
CA ARG B 35 6.23 6.35 -11.06
C ARG B 35 5.07 5.38 -11.29
N SER B 36 5.40 4.14 -11.63
CA SER B 36 4.40 3.08 -11.81
C SER B 36 5.08 1.71 -11.78
N ASP B 37 4.25 0.65 -11.68
CA ASP B 37 4.71 -0.75 -11.79
C ASP B 37 5.68 -1.12 -10.66
N MET B 38 5.37 -0.66 -9.45
CA MET B 38 6.15 -0.95 -8.26
C MET B 38 5.27 -1.65 -7.25
N ILE B 39 5.85 -2.57 -6.47
CA ILE B 39 5.17 -3.12 -5.31
C ILE B 39 6.17 -3.09 -4.16
N CYS B 40 5.71 -2.65 -2.99
N CYS B 40 5.74 -2.57 -3.01
CA CYS B 40 6.60 -2.44 -1.85
CA CYS B 40 6.61 -2.48 -1.85
C CYS B 40 6.01 -3.13 -0.62
C CYS B 40 5.97 -3.21 -0.69
N GLY B 41 6.72 -4.13 -0.11
CA GLY B 41 6.31 -4.82 1.09
C GLY B 41 7.00 -4.22 2.30
N TYR B 42 6.21 -3.94 3.35
CA TYR B 42 6.71 -3.36 4.59
C TYR B 42 6.54 -4.34 5.75
N ALA B 43 7.59 -4.48 6.57
CA ALA B 43 7.53 -5.40 7.70
C ALA B 43 6.51 -4.98 8.77
N CYS B 44 6.12 -3.71 8.81
CA CYS B 44 5.24 -3.23 9.87
C CYS B 44 4.46 -2.04 9.35
N LEU B 45 3.56 -1.52 10.18
CA LEU B 45 2.71 -0.39 9.83
C LEU B 45 3.35 0.93 10.28
N LYS B 46 2.96 2.02 9.63
CA LYS B 46 3.43 3.35 9.98
C LYS B 46 3.31 3.58 11.48
N GLY B 47 4.40 4.07 12.09
CA GLY B 47 4.43 4.41 13.49
C GLY B 47 4.81 3.29 14.42
N THR B 48 4.97 2.06 13.93
CA THR B 48 5.15 0.90 14.79
C THR B 48 6.51 0.23 14.56
N ALA B 49 6.88 -0.62 15.50
CA ALA B 49 8.11 -1.40 15.39
C ALA B 49 7.89 -2.64 14.53
N ALA B 50 8.94 -3.04 13.82
CA ALA B 50 9.02 -4.34 13.18
C ALA B 50 9.81 -5.27 14.09
N MET B 51 9.38 -6.53 14.17
CA MET B 51 9.97 -7.43 15.17
C MET B 51 10.99 -8.37 14.53
N ARG B 52 12.05 -8.65 15.29
CA ARG B 52 13.14 -9.51 14.84
C ARG B 52 13.54 -10.43 15.98
N ASN B 53 13.69 -11.71 15.66
CA ASN B 53 14.13 -12.71 16.62
C ASN B 53 15.66 -12.77 16.56
N THR B 54 16.30 -12.69 17.74
CA THR B 54 17.75 -12.53 17.78
C THR B 54 18.49 -13.73 17.21
N LYS B 55 17.83 -14.91 17.13
CA LYS B 55 18.40 -16.09 16.49
C LYS B 55 17.76 -16.44 15.15
N ARG B 56 16.44 -16.34 15.01
CA ARG B 56 15.79 -16.74 13.78
C ARG B 56 15.69 -15.61 12.74
N GLY B 57 15.96 -14.36 13.13
CA GLY B 57 15.82 -13.26 12.18
C GLY B 57 14.44 -12.63 12.23
N SER B 58 14.17 -11.75 11.26
CA SER B 58 12.96 -10.93 11.31
C SER B 58 11.72 -11.75 10.99
N TRP B 59 10.61 -11.43 11.67
CA TRP B 59 9.36 -12.13 11.38
C TRP B 59 8.98 -12.00 9.91
N TYR B 60 9.06 -10.79 9.38
CA TYR B 60 8.62 -10.53 8.02
C TYR B 60 9.48 -11.29 7.00
N ILE B 61 10.81 -11.19 7.11
CA ILE B 61 11.67 -11.90 6.16
C ILE B 61 11.43 -13.41 6.26
N GLU B 62 11.27 -13.93 7.47
CA GLU B 62 11.08 -15.36 7.60
C GLU B 62 9.79 -15.80 6.91
N ALA B 63 8.72 -15.02 7.07
CA ALA B 63 7.45 -15.38 6.44
C ALA B 63 7.52 -15.21 4.92
N LEU B 64 8.19 -14.15 4.47
CA LEU B 64 8.32 -13.89 3.04
C LEU B 64 9.05 -15.03 2.36
N ALA B 65 10.16 -15.47 2.94
CA ALA B 65 10.90 -16.56 2.32
C ALA B 65 10.12 -17.86 2.35
N GLN B 66 9.37 -18.10 3.44
CA GLN B 66 8.58 -19.33 3.53
C GLN B 66 7.50 -19.39 2.45
N VAL B 67 6.72 -18.30 2.31
CA VAL B 67 5.66 -18.27 1.32
C VAL B 67 6.24 -18.29 -0.10
N PHE B 68 7.24 -17.45 -0.38
CA PHE B 68 7.75 -17.37 -1.74
C PHE B 68 8.38 -18.69 -2.16
N SER B 69 9.05 -19.38 -1.23
CA SER B 69 9.68 -20.65 -1.55
C SER B 69 8.65 -21.70 -1.92
N GLU B 70 7.49 -21.68 -1.27
CA GLU B 70 6.46 -22.68 -1.49
C GLU B 70 5.53 -22.33 -2.64
N ARG B 71 5.20 -21.05 -2.85
CA ARG B 71 4.08 -20.70 -3.71
C ARG B 71 4.43 -19.91 -4.96
N ALA B 72 5.71 -19.56 -5.19
CA ALA B 72 6.03 -18.78 -6.38
C ALA B 72 5.64 -19.49 -7.67
N CYS B 73 5.55 -20.82 -7.62
N CYS B 73 5.52 -20.82 -7.65
CA CYS B 73 5.17 -21.61 -8.79
CA CYS B 73 5.19 -21.55 -8.87
C CYS B 73 3.78 -21.25 -9.29
C CYS B 73 3.72 -21.45 -9.28
N ASP B 74 2.82 -21.02 -8.38
CA ASP B 74 1.42 -20.89 -8.76
C ASP B 74 0.69 -19.69 -8.18
N MET B 75 1.37 -18.74 -7.56
CA MET B 75 0.72 -17.59 -6.94
C MET B 75 1.46 -16.30 -7.32
N HIS B 76 0.73 -15.26 -7.69
CA HIS B 76 1.45 -14.03 -8.02
C HIS B 76 1.90 -13.30 -6.75
N VAL B 77 2.83 -12.35 -6.93
CA VAL B 77 3.56 -11.77 -5.79
C VAL B 77 2.62 -11.04 -4.83
N ALA B 78 1.67 -10.25 -5.36
CA ALA B 78 0.74 -9.57 -4.47
C ALA B 78 -0.07 -10.58 -3.63
N ASP B 79 -0.50 -11.70 -4.25
CA ASP B 79 -1.24 -12.69 -3.46
C ASP B 79 -0.34 -13.39 -2.46
N MET B 80 0.93 -13.63 -2.81
CA MET B 80 1.83 -14.19 -1.81
C MET B 80 2.01 -13.24 -0.64
N LEU B 81 2.03 -11.93 -0.89
CA LEU B 81 2.21 -10.99 0.22
C LEU B 81 0.98 -10.98 1.13
N VAL B 82 -0.19 -11.32 0.58
CA VAL B 82 -1.36 -11.52 1.44
C VAL B 82 -1.14 -12.72 2.36
N LYS B 83 -0.58 -13.80 1.83
CA LYS B 83 -0.28 -14.94 2.70
C LYS B 83 0.74 -14.57 3.76
N VAL B 84 1.71 -13.73 3.42
CA VAL B 84 2.66 -13.24 4.42
C VAL B 84 1.95 -12.44 5.49
N ASN B 85 1.05 -11.51 5.09
CA ASN B 85 0.23 -10.79 6.06
C ASN B 85 -0.45 -11.75 7.03
N ALA B 86 -0.99 -12.87 6.52
CA ALA B 86 -1.70 -13.80 7.40
C ALA B 86 -0.76 -14.43 8.41
N LEU B 87 0.48 -14.78 8.01
CA LEU B 87 1.43 -15.34 8.95
C LEU B 87 1.80 -14.32 10.03
N ILE B 88 2.02 -13.06 9.64
CA ILE B 88 2.44 -12.04 10.59
C ILE B 88 1.33 -11.75 11.59
N LYS B 89 0.08 -11.68 11.11
CA LYS B 89 -1.06 -11.41 11.96
C LYS B 89 -1.17 -12.43 13.09
N ASP B 90 -0.75 -13.67 12.84
CA ASP B 90 -0.93 -14.74 13.82
C ASP B 90 0.23 -14.86 14.80
N ARG B 91 1.40 -14.33 14.46
CA ARG B 91 2.60 -14.46 15.29
C ARG B 91 2.50 -13.58 16.53
N GLU B 92 3.12 -14.03 17.63
CA GLU B 92 3.22 -13.13 18.77
C GLU B 92 4.60 -13.24 19.40
N GLY B 93 4.98 -12.16 20.09
CA GLY B 93 6.34 -12.02 20.56
C GLY B 93 6.69 -12.98 21.69
N TYR B 94 7.93 -13.45 21.68
CA TYR B 94 8.53 -14.17 22.81
C TYR B 94 9.73 -13.35 23.28
N ALA B 95 9.60 -12.71 24.43
CA ALA B 95 10.72 -11.94 24.97
C ALA B 95 10.47 -11.78 26.47
N PRO B 96 10.59 -12.88 27.23
CA PRO B 96 10.14 -12.89 28.62
C PRO B 96 10.72 -11.75 29.45
N GLY B 97 9.84 -11.06 30.17
CA GLY B 97 10.26 -9.99 31.05
C GLY B 97 10.57 -8.67 30.39
N THR B 98 10.27 -8.50 29.10
CA THR B 98 10.44 -7.24 28.38
C THR B 98 9.09 -6.79 27.79
N GLU B 99 9.07 -5.56 27.29
CA GLU B 99 7.85 -5.01 26.72
C GLU B 99 7.45 -5.72 25.43
N PHE B 100 8.33 -6.52 24.84
CA PHE B 100 7.99 -7.21 23.62
C PHE B 100 7.37 -8.58 23.85
N HIS B 101 7.32 -9.05 25.11
CA HIS B 101 6.69 -10.33 25.36
C HIS B 101 5.21 -10.30 24.97
N ARG B 102 4.81 -11.26 24.14
CA ARG B 102 3.45 -11.39 23.59
C ARG B 102 3.01 -10.18 22.79
N CYS B 103 3.94 -9.41 22.22
CA CYS B 103 3.56 -8.27 21.40
C CYS B 103 3.08 -8.75 20.03
N LYS B 104 2.55 -7.82 19.24
CA LYS B 104 2.02 -8.11 17.93
C LYS B 104 2.64 -7.18 16.90
N GLU B 105 2.44 -7.52 15.62
CA GLU B 105 2.93 -6.75 14.49
C GLU B 105 1.96 -7.01 13.34
N MET B 106 1.91 -6.07 12.40
CA MET B 106 1.18 -6.21 11.16
C MET B 106 2.02 -5.69 10.02
N SER B 107 2.23 -6.52 9.02
CA SER B 107 2.88 -6.16 7.78
C SER B 107 1.85 -5.59 6.80
N GLU B 108 2.33 -4.97 5.73
CA GLU B 108 1.43 -4.49 4.69
C GLU B 108 2.22 -4.42 3.38
N TYR B 109 1.50 -4.24 2.27
CA TYR B 109 2.17 -3.93 1.02
C TYR B 109 1.36 -2.86 0.30
N CYS B 110 2.06 -2.04 -0.48
CA CYS B 110 1.42 -1.13 -1.42
C CYS B 110 1.87 -1.38 -2.84
N SER B 111 0.95 -1.07 -3.77
CA SER B 111 1.10 -1.52 -5.14
C SER B 111 0.63 -0.47 -6.14
N THR B 112 1.53 -0.13 -7.07
CA THR B 112 1.22 0.49 -8.35
C THR B 112 1.39 -0.50 -9.51
N LEU B 113 1.28 -1.81 -9.24
CA LEU B 113 1.31 -2.79 -10.31
C LEU B 113 0.06 -2.68 -11.18
N CYS B 114 0.23 -3.01 -12.46
CA CYS B 114 -0.82 -2.87 -13.46
C CYS B 114 -1.15 -4.20 -14.13
N ARG B 115 -0.51 -5.28 -13.70
CA ARG B 115 -0.74 -6.65 -14.17
C ARG B 115 -0.41 -7.57 -13.02
N HIS B 116 -0.84 -8.83 -13.14
CA HIS B 116 -0.36 -9.85 -12.23
C HIS B 116 1.16 -9.95 -12.33
N LEU B 117 1.81 -10.23 -11.21
CA LEU B 117 3.26 -10.46 -11.18
C LEU B 117 3.53 -11.92 -10.82
N TYR B 118 3.59 -12.79 -11.84
CA TYR B 118 4.03 -14.17 -11.64
C TYR B 118 5.53 -14.26 -11.92
N LEU B 119 6.26 -14.92 -11.01
CA LEU B 119 7.71 -15.02 -11.17
C LEU B 119 8.11 -16.13 -12.13
N PHE B 120 7.23 -17.08 -12.38
CA PHE B 120 7.48 -18.20 -13.27
C PHE B 120 8.81 -18.92 -12.98
N PRO B 121 8.99 -19.46 -11.76
CA PRO B 121 10.18 -20.27 -11.50
C PRO B 121 10.11 -21.64 -12.20
N PHE B 137 0.34 -16.42 -18.35
CA PHE B 137 1.36 -15.59 -18.99
C PHE B 137 0.72 -14.36 -19.65
N GLN B 138 -0.49 -14.55 -20.19
CA GLN B 138 -1.12 -13.50 -20.99
C GLN B 138 -1.40 -12.26 -20.17
N LEU B 139 -2.09 -12.40 -19.03
CA LEU B 139 -2.53 -11.28 -18.21
C LEU B 139 -1.50 -10.82 -17.19
N ALA B 140 -0.24 -11.25 -17.34
CA ALA B 140 0.80 -10.97 -16.38
C ALA B 140 1.92 -10.16 -17.03
N TYR B 141 2.77 -9.56 -16.21
CA TYR B 141 3.99 -8.98 -16.73
C TYR B 141 4.82 -10.06 -17.43
N ARG B 142 5.51 -9.68 -18.50
CA ARG B 142 6.49 -10.59 -19.10
C ARG B 142 7.58 -10.91 -18.09
N LEU B 143 7.83 -12.18 -17.86
CA LEU B 143 8.85 -12.54 -16.87
C LEU B 143 9.50 -13.85 -17.32
N GLN B 144 10.29 -13.74 -18.39
CA GLN B 144 10.91 -14.89 -19.02
C GLN B 144 12.43 -14.74 -19.19
N SER B 145 13.01 -13.61 -18.81
CA SER B 145 14.43 -13.37 -19.04
C SER B 145 15.30 -14.24 -18.15
N ARG B 146 16.54 -14.46 -18.57
CA ARG B 146 17.53 -15.23 -17.83
C ARG B 146 18.76 -14.36 -17.65
N PRO B 147 18.95 -13.75 -16.47
CA PRO B 147 18.19 -13.91 -15.23
C PRO B 147 16.84 -13.19 -15.26
N ARG B 148 15.94 -13.53 -14.34
CA ARG B 148 14.64 -12.86 -14.31
C ARG B 148 14.80 -11.38 -14.01
N GLY B 149 15.87 -11.02 -13.34
CA GLY B 149 16.22 -9.64 -13.09
C GLY B 149 17.46 -9.60 -12.23
N LEU B 150 17.90 -8.39 -11.94
CA LEU B 150 18.90 -8.19 -10.90
C LEU B 150 18.18 -8.01 -9.57
N ALA B 151 18.84 -8.44 -8.50
CA ALA B 151 18.32 -8.26 -7.16
C ALA B 151 19.43 -7.67 -6.30
N LEU B 152 19.07 -6.73 -5.45
CA LEU B 152 20.01 -6.16 -4.50
C LEU B 152 19.51 -6.46 -3.09
N VAL B 153 20.38 -6.99 -2.25
CA VAL B 153 20.09 -7.19 -0.84
C VAL B 153 21.05 -6.32 -0.05
N LEU B 154 20.53 -5.27 0.57
CA LEU B 154 21.31 -4.31 1.34
C LEU B 154 20.97 -4.49 2.81
N SER B 155 21.94 -4.95 3.62
CA SER B 155 21.72 -5.22 5.05
C SER B 155 22.68 -4.41 5.90
N ASN B 156 22.14 -3.65 6.84
CA ASN B 156 22.91 -2.95 7.87
C ASN B 156 22.64 -3.61 9.22
N VAL B 157 23.71 -4.02 9.90
N VAL B 157 23.71 -4.11 9.87
CA VAL B 157 23.58 -4.79 11.13
CA VAL B 157 23.53 -4.77 11.17
C VAL B 157 24.43 -4.20 12.25
C VAL B 157 24.42 -4.16 12.26
N HIS B 158 25.55 -3.58 11.89
CA HIS B 158 26.50 -3.00 12.85
C HIS B 158 26.44 -1.47 12.79
N PHE B 159 26.00 -0.83 13.88
CA PHE B 159 25.79 0.61 13.90
C PHE B 159 26.73 1.32 14.86
N THR B 160 27.21 2.51 14.44
CA THR B 160 28.16 3.32 15.21
C THR B 160 27.85 4.80 14.93
N GLY B 161 26.80 5.30 15.55
CA GLY B 161 26.38 6.68 15.36
C GLY B 161 26.13 7.37 16.68
N GLU B 162 25.82 8.67 16.58
CA GLU B 162 25.32 9.45 17.71
C GLU B 162 23.86 9.12 18.02
N LYS B 163 23.21 8.33 17.18
CA LYS B 163 21.94 7.71 17.53
C LYS B 163 22.22 6.39 18.23
N GLU B 164 21.30 5.99 19.11
CA GLU B 164 21.49 4.78 19.91
C GLU B 164 20.80 3.59 19.25
N LEU B 165 21.43 3.10 18.18
CA LEU B 165 20.92 1.97 17.41
C LEU B 165 21.73 0.72 17.74
N GLU B 166 21.03 -0.33 18.13
CA GLU B 166 21.69 -1.53 18.62
C GLU B 166 22.00 -2.49 17.46
N PHE B 167 23.07 -3.27 17.67
CA PHE B 167 23.42 -4.35 16.75
C PHE B 167 22.18 -5.19 16.44
N ARG B 168 21.97 -5.47 15.16
CA ARG B 168 20.78 -6.20 14.73
C ARG B 168 21.10 -7.70 14.68
N SER B 169 21.02 -8.34 15.85
CA SER B 169 21.19 -9.78 15.95
C SER B 169 20.14 -10.51 15.13
N GLY B 170 20.57 -11.52 14.38
CA GLY B 170 19.69 -12.22 13.47
C GLY B 170 19.58 -11.60 12.09
N GLY B 171 20.10 -10.39 11.91
CA GLY B 171 20.13 -9.77 10.59
C GLY B 171 20.97 -10.55 9.60
N ASP B 172 21.98 -11.27 10.10
CA ASP B 172 22.76 -12.11 9.18
C ASP B 172 21.92 -13.26 8.63
N VAL B 173 21.01 -13.80 9.43
CA VAL B 173 20.13 -14.86 8.94
C VAL B 173 19.19 -14.32 7.86
N ASP B 174 18.60 -13.14 8.10
CA ASP B 174 17.78 -12.49 7.07
C ASP B 174 18.53 -12.33 5.77
N HIS B 175 19.77 -11.83 5.86
CA HIS B 175 20.55 -11.56 4.66
C HIS B 175 20.78 -12.84 3.85
N SER B 176 21.26 -13.89 4.53
N SER B 176 21.25 -13.90 4.52
CA SER B 176 21.52 -15.15 3.84
CA SER B 176 21.51 -15.14 3.79
C SER B 176 20.23 -15.75 3.29
C SER B 176 20.23 -15.79 3.30
N THR B 177 19.14 -15.66 4.05
CA THR B 177 17.84 -16.17 3.61
C THR B 177 17.41 -15.51 2.30
N LEU B 178 17.51 -14.18 2.22
CA LEU B 178 17.06 -13.50 1.00
C LEU B 178 18.00 -13.78 -0.17
N VAL B 179 19.33 -13.81 0.07
CA VAL B 179 20.24 -14.11 -1.03
C VAL B 179 19.94 -15.49 -1.59
N THR B 180 19.70 -16.47 -0.72
CA THR B 180 19.32 -17.81 -1.18
C THR B 180 17.99 -17.79 -1.93
N LEU B 181 16.99 -17.10 -1.37
CA LEU B 181 15.67 -17.07 -2.00
C LEU B 181 15.72 -16.44 -3.40
N PHE B 182 16.35 -15.28 -3.53
CA PHE B 182 16.34 -14.60 -4.83
C PHE B 182 17.19 -15.34 -5.86
N LYS B 183 18.28 -16.00 -5.46
CA LYS B 183 18.99 -16.87 -6.40
C LYS B 183 18.09 -18.00 -6.86
N LEU B 184 17.37 -18.62 -5.91
CA LEU B 184 16.48 -19.72 -6.24
C LEU B 184 15.38 -19.28 -7.21
N LEU B 185 14.88 -18.06 -7.06
CA LEU B 185 13.88 -17.51 -7.97
C LEU B 185 14.47 -17.00 -9.28
N GLY B 186 15.76 -17.19 -9.54
CA GLY B 186 16.35 -16.89 -10.84
C GLY B 186 16.90 -15.49 -11.02
N TYR B 187 17.21 -14.76 -9.94
CA TYR B 187 17.75 -13.42 -9.98
C TYR B 187 19.27 -13.44 -9.83
N ASP B 188 19.94 -12.47 -10.48
CA ASP B 188 21.36 -12.21 -10.26
C ASP B 188 21.49 -11.32 -9.03
N VAL B 189 21.95 -11.87 -7.91
CA VAL B 189 21.88 -11.19 -6.62
C VAL B 189 23.17 -10.41 -6.36
N HIS B 190 23.04 -9.10 -6.19
CA HIS B 190 24.10 -8.22 -5.71
C HIS B 190 23.87 -7.98 -4.22
N VAL B 191 24.97 -7.81 -3.47
CA VAL B 191 24.85 -7.63 -2.03
C VAL B 191 25.63 -6.42 -1.56
N LEU B 192 25.13 -5.79 -0.51
CA LEU B 192 25.83 -4.71 0.19
C LEU B 192 25.60 -4.87 1.67
N CYS B 193 26.63 -4.58 2.47
CA CYS B 193 26.59 -4.78 3.92
C CYS B 193 27.14 -3.56 4.65
N ASP B 194 26.42 -3.12 5.69
CA ASP B 194 26.87 -2.08 6.61
C ASP B 194 27.34 -0.83 5.86
N GLN B 195 26.37 -0.16 5.24
CA GLN B 195 26.61 1.04 4.45
C GLN B 195 26.08 2.26 5.19
N THR B 196 26.77 3.39 4.99
CA THR B 196 26.27 4.66 5.48
C THR B 196 25.10 5.13 4.61
N ALA B 197 24.42 6.19 5.06
CA ALA B 197 23.31 6.70 4.27
C ALA B 197 23.77 7.15 2.89
N GLN B 198 24.89 7.87 2.83
CA GLN B 198 25.38 8.36 1.56
C GLN B 198 25.81 7.21 0.65
N GLU B 199 26.52 6.23 1.20
CA GLU B 199 26.87 5.04 0.45
C GLU B 199 25.63 4.35 -0.10
N MET B 200 24.56 4.30 0.70
CA MET B 200 23.36 3.62 0.21
C MET B 200 22.76 4.39 -0.95
N GLN B 201 22.66 5.72 -0.83
CA GLN B 201 22.14 6.54 -1.92
C GLN B 201 22.97 6.35 -3.19
N GLU B 202 24.29 6.43 -3.07
CA GLU B 202 25.13 6.38 -4.27
C GLU B 202 25.12 4.99 -4.89
N LYS B 203 25.17 3.95 -4.08
CA LYS B 203 25.24 2.61 -4.65
C LYS B 203 23.87 2.12 -5.11
N LEU B 204 22.78 2.59 -4.50
CA LEU B 204 21.45 2.31 -5.07
C LEU B 204 21.32 2.95 -6.45
N GLN B 205 21.78 4.19 -6.61
CA GLN B 205 21.77 4.82 -7.93
C GLN B 205 22.58 4.02 -8.92
N ASN B 206 23.79 3.59 -8.54
CA ASN B 206 24.61 2.78 -9.46
C ASN B 206 23.87 1.50 -9.85
N PHE B 207 23.24 0.83 -8.89
CA PHE B 207 22.49 -0.40 -9.20
C PHE B 207 21.34 -0.10 -10.18
N ALA B 208 20.58 0.96 -9.92
CA ALA B 208 19.47 1.31 -10.80
C ALA B 208 19.93 1.64 -12.21
N GLN B 209 21.15 2.13 -12.35
CA GLN B 209 21.67 2.56 -13.64
C GLN B 209 22.42 1.47 -14.39
N LEU B 210 22.48 0.24 -13.87
CA LEU B 210 23.24 -0.80 -14.55
C LEU B 210 22.65 -1.08 -15.93
N PRO B 211 23.49 -1.33 -16.94
CA PRO B 211 22.95 -1.60 -18.29
C PRO B 211 22.13 -2.86 -18.39
N ALA B 212 22.34 -3.86 -17.53
CA ALA B 212 21.63 -5.14 -17.64
C ALA B 212 20.11 -4.95 -17.56
N HIS B 213 19.64 -3.92 -16.84
CA HIS B 213 18.19 -3.72 -16.72
C HIS B 213 17.52 -3.53 -18.08
N ARG B 214 18.26 -3.09 -19.10
CA ARG B 214 17.65 -2.90 -20.41
C ARG B 214 17.03 -4.20 -20.94
N VAL B 215 17.67 -5.34 -20.68
CA VAL B 215 17.22 -6.60 -21.26
C VAL B 215 16.56 -7.55 -20.26
N THR B 216 16.60 -7.26 -18.96
CA THR B 216 15.93 -8.16 -18.02
C THR B 216 14.46 -7.74 -17.86
N ASP B 217 13.67 -8.56 -17.20
CA ASP B 217 12.23 -8.33 -17.16
C ASP B 217 11.70 -7.77 -15.83
N SER B 218 12.50 -7.72 -14.78
CA SER B 218 12.03 -7.27 -13.47
C SER B 218 13.24 -6.86 -12.62
N CYS B 219 12.94 -6.31 -11.42
CA CYS B 219 13.97 -5.89 -10.49
C CYS B 219 13.49 -6.12 -9.06
N ILE B 220 14.44 -6.45 -8.18
CA ILE B 220 14.16 -6.62 -6.75
C ILE B 220 15.19 -5.83 -5.95
N VAL B 221 14.70 -5.07 -4.95
CA VAL B 221 15.56 -4.40 -3.98
C VAL B 221 15.04 -4.72 -2.59
N ALA B 222 15.90 -5.27 -1.74
CA ALA B 222 15.56 -5.51 -0.34
C ALA B 222 16.46 -4.66 0.55
N LEU B 223 15.86 -3.91 1.47
CA LEU B 223 16.58 -3.05 2.39
C LEU B 223 16.27 -3.48 3.82
N LEU B 224 17.30 -3.77 4.59
CA LEU B 224 17.16 -4.29 5.95
C LEU B 224 18.03 -3.47 6.88
N SER B 225 17.41 -2.78 7.83
CA SER B 225 18.15 -1.87 8.72
C SER B 225 17.24 -1.44 9.86
N HIS B 226 17.78 -0.57 10.72
CA HIS B 226 16.92 0.27 11.55
C HIS B 226 16.25 1.33 10.67
N GLY B 227 15.12 1.86 11.15
CA GLY B 227 14.43 2.88 10.38
C GLY B 227 13.47 3.69 11.23
N VAL B 228 12.88 4.69 10.58
CA VAL B 228 11.77 5.49 11.09
C VAL B 228 10.71 5.56 9.99
N GLU B 229 9.58 6.21 10.27
CA GLU B 229 8.57 6.28 9.23
C GLU B 229 9.12 6.98 8.00
N GLY B 230 9.12 6.28 6.87
CA GLY B 230 9.53 6.84 5.61
C GLY B 230 11.01 6.92 5.33
N ALA B 231 11.87 6.37 6.20
CA ALA B 231 13.31 6.43 5.96
C ALA B 231 14.02 5.29 6.68
N ILE B 232 15.21 4.93 6.19
CA ILE B 232 16.03 3.91 6.83
C ILE B 232 17.38 4.50 7.22
N TYR B 233 17.98 3.91 8.25
CA TYR B 233 19.27 4.36 8.76
C TYR B 233 20.42 3.69 8.03
N GLY B 234 21.44 4.47 7.73
CA GLY B 234 22.75 3.91 7.50
C GLY B 234 23.47 3.63 8.80
N VAL B 235 24.57 2.88 8.69
CA VAL B 235 25.35 2.54 9.87
C VAL B 235 25.95 3.75 10.55
N ASP B 236 25.94 4.92 9.91
CA ASP B 236 26.38 6.15 10.57
C ASP B 236 25.27 6.84 11.34
N GLY B 237 24.07 6.26 11.40
CA GLY B 237 22.97 6.93 12.07
C GLY B 237 22.30 8.04 11.30
N LYS B 238 22.65 8.23 10.02
CA LYS B 238 21.98 9.22 9.19
C LYS B 238 20.91 8.51 8.36
N LEU B 239 19.88 9.25 7.96
CA LEU B 239 18.71 8.68 7.32
C LEU B 239 18.77 8.82 5.80
N LEU B 240 18.22 7.81 5.12
CA LEU B 240 17.97 7.85 3.70
C LEU B 240 16.47 7.76 3.49
N GLN B 241 15.88 8.78 2.88
CA GLN B 241 14.44 8.80 2.70
C GLN B 241 14.04 7.76 1.67
N LEU B 242 13.01 6.96 1.99
CA LEU B 242 12.58 5.94 1.04
C LEU B 242 12.05 6.54 -0.25
N GLN B 243 11.45 7.73 -0.19
CA GLN B 243 10.96 8.35 -1.42
C GLN B 243 12.10 8.59 -2.40
N GLU B 244 13.30 8.93 -1.91
CA GLU B 244 14.43 9.07 -2.83
C GLU B 244 14.91 7.72 -3.38
N VAL B 245 14.80 6.64 -2.60
CA VAL B 245 15.11 5.31 -3.12
C VAL B 245 14.18 4.97 -4.28
N PHE B 246 12.86 5.07 -4.06
CA PHE B 246 11.92 4.72 -5.13
C PHE B 246 12.14 5.58 -6.37
N GLN B 247 12.48 6.86 -6.18
CA GLN B 247 12.69 7.77 -7.31
C GLN B 247 13.80 7.29 -8.24
N LEU B 248 14.85 6.72 -7.67
CA LEU B 248 15.98 6.20 -8.45
C LEU B 248 15.53 5.16 -9.47
N PHE B 249 14.42 4.47 -9.21
CA PHE B 249 13.95 3.39 -10.06
C PHE B 249 12.71 3.77 -10.87
N ASP B 250 12.33 5.06 -10.86
CA ASP B 250 11.06 5.43 -11.48
C ASP B 250 11.23 5.59 -13.00
N ASN B 251 10.13 5.97 -13.66
CA ASN B 251 10.13 5.96 -15.12
C ASN B 251 11.02 7.05 -15.70
N ALA B 252 11.25 8.13 -14.94
CA ALA B 252 12.11 9.21 -15.41
C ALA B 252 13.59 8.90 -15.20
N ASN B 253 13.94 8.36 -14.03
CA ASN B 253 15.34 8.14 -13.72
C ASN B 253 15.86 6.81 -14.18
N CYS B 254 14.99 5.82 -14.37
CA CYS B 254 15.40 4.48 -14.77
C CYS B 254 14.59 4.03 -15.98
N PRO B 255 14.86 4.61 -17.16
CA PRO B 255 14.08 4.26 -18.35
C PRO B 255 14.18 2.80 -18.72
N SER B 256 15.31 2.13 -18.39
CA SER B 256 15.45 0.73 -18.77
C SER B 256 14.39 -0.14 -18.10
N LEU B 257 13.87 0.25 -16.95
CA LEU B 257 12.85 -0.54 -16.26
C LEU B 257 11.42 -0.04 -16.49
N GLN B 258 11.19 0.90 -17.41
CA GLN B 258 9.82 1.33 -17.70
C GLN B 258 8.95 0.13 -18.05
N ASN B 259 7.75 0.11 -17.47
CA ASN B 259 6.72 -0.91 -17.64
C ASN B 259 7.14 -2.28 -17.15
N LYS B 260 8.26 -2.39 -16.44
CA LYS B 260 8.69 -3.65 -15.86
C LYS B 260 8.42 -3.65 -14.36
N PRO B 261 8.04 -4.79 -13.77
CA PRO B 261 7.71 -4.81 -12.33
C PRO B 261 8.95 -4.68 -11.47
N LYS B 262 8.86 -3.80 -10.46
CA LYS B 262 9.93 -3.52 -9.53
C LYS B 262 9.46 -3.82 -8.12
N MET B 263 10.11 -4.78 -7.46
CA MET B 263 9.72 -5.19 -6.12
C MET B 263 10.69 -4.59 -5.12
N PHE B 264 10.13 -4.05 -4.03
CA PHE B 264 10.88 -3.54 -2.90
C PHE B 264 10.40 -4.23 -1.64
N PHE B 265 11.34 -4.62 -0.79
CA PHE B 265 11.03 -5.21 0.52
C PHE B 265 11.80 -4.44 1.57
N ILE B 266 11.10 -3.90 2.57
CA ILE B 266 11.72 -3.02 3.55
C ILE B 266 11.54 -3.62 4.94
N GLN B 267 12.63 -4.15 5.49
CA GLN B 267 12.67 -4.65 6.85
C GLN B 267 13.31 -3.55 7.70
N ALA B 268 12.47 -2.74 8.35
CA ALA B 268 12.91 -1.64 9.19
C ALA B 268 11.74 -1.17 10.02
N CYS B 269 12.01 -0.68 11.24
CA CYS B 269 10.94 -0.06 12.02
C CYS B 269 10.43 1.21 11.34
N ARG B 270 9.18 1.56 11.65
CA ARG B 270 8.54 2.74 11.09
C ARG B 270 8.06 3.68 12.18
N GLY B 271 8.62 3.55 13.37
CA GLY B 271 8.15 4.25 14.54
C GLY B 271 8.54 3.49 15.79
N ASP B 272 8.24 4.09 16.94
CA ASP B 272 8.66 3.55 18.22
C ASP B 272 7.55 2.81 18.96
N GLU B 273 6.34 2.79 18.44
CA GLU B 273 5.22 2.18 19.15
C GLU B 273 5.31 0.66 19.11
N THR B 274 5.33 0.03 20.29
CA THR B 274 5.16 -1.41 20.41
C THR B 274 3.68 -1.71 20.43
N ASP B 275 3.25 -2.70 19.64
CA ASP B 275 1.84 -3.10 19.56
C ASP B 275 1.56 -4.16 20.61
N ARG B 276 0.80 -3.79 21.64
CA ARG B 276 0.48 -4.76 22.68
C ARG B 276 -0.59 -5.74 22.24
N GLY B 277 -1.27 -5.47 21.13
CA GLY B 277 -2.28 -6.39 20.63
C GLY B 277 -3.62 -6.21 21.31
N VAL B 278 -4.59 -6.96 20.81
CA VAL B 278 -5.98 -6.85 21.23
C VAL B 278 -6.55 -8.24 21.38
N ASP B 279 -7.28 -8.49 22.47
CA ASP B 279 -7.97 -9.78 22.57
C ASP B 279 -9.09 -9.84 21.54
N GLN B 280 -9.23 -11.01 20.92
CA GLN B 280 -10.27 -11.21 19.93
C GLN B 280 -11.59 -11.45 20.65
N GLN B 281 -12.59 -10.63 20.36
CA GLN B 281 -13.86 -10.65 21.08
C GLN B 281 -14.65 -11.94 20.81
C ACE C 1 15.04 -15.62 21.33
O ACE C 1 14.07 -16.22 21.80
CH3 ACE C 1 16.22 -16.33 20.73
N VAL C 2 15.13 -14.29 21.30
CA VAL C 2 14.04 -13.48 21.83
C VAL C 2 13.73 -12.41 20.79
N ASP C 3 12.54 -11.84 20.89
CA ASP C 3 12.11 -10.84 19.92
C ASP C 3 12.44 -9.43 20.39
N VAL C 4 12.96 -8.63 19.47
CA VAL C 4 13.35 -7.24 19.71
C VAL C 4 12.85 -6.41 18.54
N ALA C 5 12.91 -5.09 18.70
CA ALA C 5 12.39 -4.18 17.68
C ALA C 5 13.47 -3.70 16.70
N ASA C 6 13.10 -3.60 15.43
CA ASA C 6 13.94 -2.97 14.42
C ASA C 6 13.77 -1.46 14.39
O ASA C 6 14.01 -0.71 13.42
CB ASA C 6 13.67 -3.47 13.00
CG ASA C 6 14.64 -4.60 12.61
OD1 ASA C 6 15.76 -4.66 13.18
OD2 ASA C 6 14.25 -5.40 11.70
C ACE D 1 -13.65 19.11 -19.59
O ACE D 1 -13.05 18.77 -20.61
CH3 ACE D 1 -15.13 19.03 -19.45
N VAL D 2 -13.03 19.58 -18.51
CA VAL D 2 -11.58 19.68 -18.48
C VAL D 2 -11.13 19.03 -17.19
N ASP D 3 -9.85 18.70 -17.11
CA ASP D 3 -9.29 18.05 -15.94
C ASP D 3 -8.67 19.09 -15.02
N VAL D 4 -8.96 18.97 -13.72
CA VAL D 4 -8.50 19.87 -12.68
C VAL D 4 -8.01 19.02 -11.53
N ALA D 5 -7.41 19.65 -10.53
CA ALA D 5 -6.82 18.93 -9.41
C ALA D 5 -7.70 18.86 -8.16
N ASA D 6 -7.69 17.71 -7.50
CA ASA D 6 -8.34 17.57 -6.21
C ASA D 6 -7.41 17.96 -5.05
O ASA D 6 -7.56 17.68 -3.84
CB ASA D 6 -8.82 16.15 -5.92
CG ASA D 6 -10.28 15.91 -6.31
OD1 ASA D 6 -10.66 14.71 -6.45
OD2 ASA D 6 -11.03 16.91 -6.46
#